data_3CZY
#
_entry.id   3CZY
#
_cell.length_a   52.000
_cell.length_b   52.446
_cell.length_c   74.488
_cell.angle_alpha   90.00
_cell.angle_beta   90.00
_cell.angle_gamma   90.00
#
_symmetry.space_group_name_H-M   'P 1 21 1'
#
loop_
_entity.id
_entity.type
_entity.pdbx_description
1 polymer 'Heme oxygenase 1'
2 non-polymer 'PROTOPORPHYRIN IX CONTAINING FE'
3 non-polymer 1-(adamantan-1-yl)-2-(1H-imidazol-1-yl)ethanone
4 water water
#
_entity_poly.entity_id   1
_entity_poly.type   'polypeptide(L)'
_entity_poly.pdbx_seq_one_letter_code
;MERPQPDSMPQDLSEALKEATKEVHTQAENAEFMRNFQKGQVTRDGFKLVMASLYHIYVALEEEIERNKESPVFAPVYFP
EELHRKAALEQDLAFWYGPRWQEVIPYTPAMQRYVKRLHEVGRTEPELLVAHAYTRYLGDLSGGQVLKKIAQKALDLPSS
GEGLAFFTFPNIASATKFKQLYRSRMNSLEMTPAVRQRVIEEAKTAFLLNIQLFEELQELLTHDTKDQSPSRA
;
_entity_poly.pdbx_strand_id   A,B
#
loop_
_chem_comp.id
_chem_comp.type
_chem_comp.name
_chem_comp.formula
AD8 non-polymer 1-(adamantan-1-yl)-2-(1H-imidazol-1-yl)ethanone 'C15 H20 N2 O'
HEM non-polymer 'PROTOPORPHYRIN IX CONTAINING FE' 'C34 H32 Fe N4 O4'
#
# COMPACT_ATOMS: atom_id res chain seq x y z
N PRO A 10 -25.07 -24.59 6.18
CA PRO A 10 -25.25 -25.07 7.54
C PRO A 10 -25.46 -23.92 8.52
N GLN A 11 -25.41 -24.22 9.82
CA GLN A 11 -25.62 -23.22 10.86
C GLN A 11 -24.63 -22.06 10.80
N ASP A 12 -23.34 -22.37 10.73
CA ASP A 12 -22.33 -21.33 10.63
C ASP A 12 -22.51 -20.50 9.35
N LEU A 13 -22.44 -19.18 9.50
CA LEU A 13 -22.59 -18.27 8.36
C LEU A 13 -21.56 -18.59 7.28
N SER A 14 -20.34 -18.92 7.69
CA SER A 14 -19.27 -19.26 6.74
C SER A 14 -19.65 -20.46 5.88
N GLU A 15 -20.26 -21.47 6.50
CA GLU A 15 -20.73 -22.65 5.77
C GLU A 15 -21.94 -22.35 4.88
N ALA A 16 -22.90 -21.59 5.42
CA ALA A 16 -24.09 -21.17 4.68
C ALA A 16 -23.73 -20.32 3.44
N LEU A 17 -22.75 -19.44 3.57
CA LEU A 17 -22.31 -18.62 2.43
C LEU A 17 -21.68 -19.47 1.34
N LYS A 18 -20.83 -20.41 1.76
CA LYS A 18 -20.11 -21.24 0.81
C LYS A 18 -21.11 -22.12 0.05
N GLU A 19 -22.08 -22.68 0.78
CA GLU A 19 -23.09 -23.54 0.15
C GLU A 19 -24.00 -22.77 -0.80
N ALA A 20 -24.48 -21.61 -0.35
CA ALA A 20 -25.43 -20.79 -1.09
C ALA A 20 -24.85 -20.23 -2.39
N THR A 21 -23.54 -20.00 -2.40
CA THR A 21 -22.90 -19.40 -3.57
C THR A 21 -22.21 -20.41 -4.49
N LYS A 22 -22.29 -21.69 -4.17
CA LYS A 22 -21.65 -22.72 -4.99
C LYS A 22 -22.09 -22.66 -6.46
N GLU A 23 -23.39 -22.50 -6.70
CA GLU A 23 -23.90 -22.45 -8.07
C GLU A 23 -23.37 -21.24 -8.84
N VAL A 24 -23.52 -20.05 -8.27
CA VAL A 24 -22.97 -18.84 -8.92
C VAL A 24 -21.44 -18.88 -9.05
N HIS A 25 -20.73 -19.52 -8.11
CA HIS A 25 -19.29 -19.68 -8.26
C HIS A 25 -18.97 -20.54 -9.49
N THR A 26 -19.77 -21.58 -9.70
CA THR A 26 -19.65 -22.41 -10.90
C THR A 26 -19.88 -21.60 -12.18
N GLN A 27 -20.89 -20.73 -12.16
CA GLN A 27 -21.16 -19.80 -13.25
C GLN A 27 -19.93 -18.94 -13.54
N ALA A 28 -19.29 -18.44 -12.48
CA ALA A 28 -18.08 -17.62 -12.62
C ALA A 28 -16.94 -18.40 -13.28
N GLU A 29 -16.76 -19.65 -12.87
CA GLU A 29 -15.72 -20.52 -13.42
C GLU A 29 -15.96 -20.72 -14.92
N ASN A 30 -17.24 -20.68 -15.32
CA ASN A 30 -17.61 -20.91 -16.72
C ASN A 30 -17.57 -19.69 -17.61
N ALA A 31 -17.40 -18.52 -16.99
CA ALA A 31 -17.39 -17.26 -17.73
C ALA A 31 -16.25 -17.26 -18.74
N GLU A 32 -16.55 -16.75 -19.94
CA GLU A 32 -15.58 -16.66 -21.04
C GLU A 32 -14.29 -15.99 -20.57
N PHE A 33 -14.41 -14.84 -19.90
CA PHE A 33 -13.24 -14.12 -19.43
C PHE A 33 -12.40 -14.99 -18.48
N MET A 34 -13.06 -15.72 -17.58
CA MET A 34 -12.34 -16.57 -16.63
C MET A 34 -11.71 -17.81 -17.25
N ARG A 35 -12.42 -18.45 -18.19
CA ARG A 35 -11.85 -19.54 -18.97
C ARG A 35 -10.59 -19.06 -19.68
N ASN A 36 -10.67 -17.90 -20.31
CA ASN A 36 -9.55 -17.33 -21.02
C ASN A 36 -8.41 -17.02 -20.04
N PHE A 37 -8.74 -16.43 -18.90
CA PHE A 37 -7.72 -16.04 -17.93
C PHE A 37 -6.96 -17.27 -17.43
N GLN A 38 -7.70 -18.31 -17.06
CA GLN A 38 -7.10 -19.52 -16.50
C GLN A 38 -6.19 -20.22 -17.52
N LYS A 39 -6.50 -20.06 -18.81
CA LYS A 39 -5.70 -20.67 -19.87
C LYS A 39 -4.58 -19.77 -20.40
N GLY A 40 -4.28 -18.70 -19.67
CA GLY A 40 -3.18 -17.79 -20.03
C GLY A 40 -3.46 -16.97 -21.27
N GLN A 41 -4.73 -16.72 -21.55
CA GLN A 41 -5.14 -16.01 -22.76
C GLN A 41 -5.34 -14.50 -22.57
N VAL A 42 -5.10 -14.01 -21.35
CA VAL A 42 -5.26 -12.58 -21.08
C VAL A 42 -4.12 -11.79 -21.74
N THR A 43 -4.51 -10.67 -22.34
CA THR A 43 -3.56 -9.74 -22.94
C THR A 43 -3.25 -8.65 -21.93
N ARG A 44 -2.24 -7.83 -22.20
CA ARG A 44 -2.00 -6.65 -21.36
C ARG A 44 -3.26 -5.77 -21.30
N ASP A 45 -3.91 -5.53 -22.45
CA ASP A 45 -5.16 -4.73 -22.45
C ASP A 45 -6.24 -5.31 -21.52
N GLY A 46 -6.43 -6.63 -21.57
CA GLY A 46 -7.41 -7.30 -20.74
C GLY A 46 -7.04 -7.23 -19.28
N PHE A 47 -5.77 -7.44 -18.98
CA PHE A 47 -5.28 -7.40 -17.62
C PHE A 47 -5.42 -6.00 -17.01
N LYS A 48 -5.07 -4.99 -17.80
CA LYS A 48 -5.24 -3.60 -17.37
C LYS A 48 -6.69 -3.27 -17.02
N LEU A 49 -7.63 -3.72 -17.85
CA LEU A 49 -9.06 -3.55 -17.58
C LEU A 49 -9.47 -4.16 -16.25
N VAL A 50 -8.99 -5.39 -15.99
CA VAL A 50 -9.24 -6.09 -14.73
C VAL A 50 -8.73 -5.27 -13.55
N MET A 51 -7.47 -4.85 -13.64
CA MET A 51 -6.85 -4.07 -12.57
C MET A 51 -7.60 -2.76 -12.29
N ALA A 52 -7.99 -2.07 -13.35
CA ALA A 52 -8.75 -0.83 -13.21
C ALA A 52 -10.08 -1.14 -12.50
N SER A 53 -10.75 -2.22 -12.93
CA SER A 53 -12.02 -2.64 -12.31
C SER A 53 -11.85 -2.87 -10.81
N LEU A 54 -10.84 -3.68 -10.47
CA LEU A 54 -10.53 -3.99 -9.05
C LEU A 54 -10.26 -2.73 -8.23
N TYR A 55 -9.54 -1.79 -8.82
CA TYR A 55 -9.32 -0.52 -8.14
C TYR A 55 -10.63 0.19 -7.80
N HIS A 56 -11.51 0.36 -8.79
CA HIS A 56 -12.77 1.02 -8.50
C HIS A 56 -13.57 0.30 -7.42
N ILE A 57 -13.57 -1.03 -7.52
CA ILE A 57 -14.35 -1.85 -6.59
C ILE A 57 -13.81 -1.74 -5.16
N TYR A 58 -12.51 -1.90 -5.04
CA TYR A 58 -11.88 -1.82 -3.73
C TYR A 58 -11.89 -0.40 -3.12
N VAL A 59 -11.79 0.63 -3.95
CA VAL A 59 -11.97 2.00 -3.43
C VAL A 59 -13.33 2.09 -2.72
N ALA A 60 -14.38 1.62 -3.39
CA ALA A 60 -15.72 1.72 -2.80
C ALA A 60 -15.91 0.80 -1.59
N LEU A 61 -15.46 -0.45 -1.71
CA LEU A 61 -15.57 -1.40 -0.60
C LEU A 61 -14.83 -0.89 0.63
N GLU A 62 -13.61 -0.44 0.46
CA GLU A 62 -12.77 -0.06 1.59
C GLU A 62 -13.23 1.27 2.20
N GLU A 63 -13.83 2.16 1.40
CA GLU A 63 -14.44 3.38 1.93
C GLU A 63 -15.59 2.98 2.85
N GLU A 64 -16.41 2.04 2.37
CA GLU A 64 -17.56 1.61 3.17
C GLU A 64 -17.16 0.84 4.43
N ILE A 65 -16.11 0.05 4.33
CA ILE A 65 -15.55 -0.62 5.50
C ILE A 65 -15.09 0.41 6.54
N GLU A 66 -14.38 1.45 6.10
CA GLU A 66 -13.92 2.48 7.03
C GLU A 66 -15.07 3.20 7.71
N ARG A 67 -16.13 3.46 6.94
CA ARG A 67 -17.33 4.10 7.48
C ARG A 67 -17.96 3.27 8.60
N ASN A 68 -17.87 1.95 8.48
CA ASN A 68 -18.64 1.04 9.33
C ASN A 68 -17.80 0.22 10.29
N LYS A 69 -16.52 0.54 10.41
CA LYS A 69 -15.58 -0.33 11.13
C LYS A 69 -15.89 -0.48 12.63
N GLU A 70 -16.61 0.48 13.21
CA GLU A 70 -16.92 0.45 14.66
C GLU A 70 -18.25 -0.22 14.93
N SER A 71 -19.04 -0.44 13.89
CA SER A 71 -20.37 -1.01 14.06
C SER A 71 -20.31 -2.47 14.45
N PRO A 72 -21.19 -2.92 15.37
CA PRO A 72 -21.23 -4.35 15.70
C PRO A 72 -21.51 -5.26 14.50
N VAL A 73 -22.11 -4.69 13.44
CA VAL A 73 -22.47 -5.52 12.28
C VAL A 73 -21.27 -5.79 11.37
N PHE A 74 -20.17 -5.08 11.61
CA PHE A 74 -18.94 -5.28 10.80
C PHE A 74 -17.65 -5.41 11.58
N ALA A 75 -17.56 -4.76 12.74
CA ALA A 75 -16.30 -4.72 13.49
C ALA A 75 -15.58 -6.08 13.61
N PRO A 76 -16.31 -7.17 13.91
CA PRO A 76 -15.64 -8.48 14.03
C PRO A 76 -14.82 -8.89 12.82
N VAL A 77 -15.23 -8.48 11.62
CA VAL A 77 -14.49 -8.86 10.39
C VAL A 77 -13.63 -7.72 9.85
N TYR A 78 -13.33 -6.74 10.68
CA TYR A 78 -12.47 -5.62 10.28
C TYR A 78 -11.02 -6.02 10.47
N PHE A 79 -10.33 -6.25 9.35
CA PHE A 79 -8.92 -6.65 9.33
C PHE A 79 -8.20 -5.78 8.32
N PRO A 80 -8.05 -4.48 8.62
CA PRO A 80 -7.51 -3.56 7.61
C PRO A 80 -6.08 -3.86 7.19
N GLU A 81 -5.18 -4.14 8.14
CA GLU A 81 -3.79 -4.38 7.76
C GLU A 81 -3.62 -5.66 6.94
N GLU A 82 -4.37 -6.69 7.30
CA GLU A 82 -4.23 -7.98 6.63
C GLU A 82 -4.76 -7.98 5.22
N LEU A 83 -5.85 -7.25 4.99
CA LEU A 83 -6.62 -7.41 3.75
C LEU A 83 -6.56 -6.24 2.77
N HIS A 84 -6.26 -5.02 3.23
CA HIS A 84 -6.51 -3.85 2.37
C HIS A 84 -5.80 -3.95 1.04
N ARG A 85 -6.52 -3.63 -0.06
CA ARG A 85 -5.99 -3.80 -1.43
C ARG A 85 -5.87 -2.48 -2.22
N LYS A 86 -6.51 -1.40 -1.75
CA LYS A 86 -6.48 -0.15 -2.52
C LYS A 86 -5.07 0.33 -2.81
N ALA A 87 -4.23 0.38 -1.77
CA ALA A 87 -2.86 0.88 -1.96
C ALA A 87 -2.06 0.02 -2.96
N ALA A 88 -2.21 -1.30 -2.88
CA ALA A 88 -1.50 -2.19 -3.79
C ALA A 88 -1.97 -1.93 -5.22
N LEU A 89 -3.27 -1.70 -5.39
CA LEU A 89 -3.79 -1.43 -6.73
C LEU A 89 -3.36 -0.06 -7.27
N GLU A 90 -3.20 0.93 -6.38
CA GLU A 90 -2.66 2.22 -6.80
C GLU A 90 -1.23 2.07 -7.32
N GLN A 91 -0.41 1.31 -6.57
CA GLN A 91 0.94 0.99 -7.01
C GLN A 91 0.92 0.35 -8.38
N ASP A 92 0.05 -0.66 -8.55
CA ASP A 92 0.02 -1.39 -9.84
C ASP A 92 -0.49 -0.54 -11.01
N LEU A 93 -1.50 0.29 -10.75
CA LEU A 93 -2.05 1.12 -11.83
C LEU A 93 -1.04 2.18 -12.26
N ALA A 94 -0.24 2.70 -11.33
CA ALA A 94 0.80 3.67 -11.73
C ALA A 94 1.78 3.01 -12.69
N PHE A 95 2.04 1.71 -12.51
CA PHE A 95 2.85 0.95 -13.46
C PHE A 95 2.13 0.74 -14.80
N TRP A 96 0.90 0.22 -14.74
CA TRP A 96 0.17 -0.20 -15.95
C TRP A 96 -0.31 0.96 -16.83
N TYR A 97 -0.65 2.09 -16.20
CA TYR A 97 -1.23 3.21 -16.95
C TYR A 97 -0.39 4.49 -16.88
N GLY A 98 0.69 4.45 -16.09
CA GLY A 98 1.63 5.57 -15.97
C GLY A 98 1.24 6.62 -14.96
N PRO A 99 1.99 7.75 -14.92
CA PRO A 99 1.75 8.80 -13.92
C PRO A 99 0.35 9.40 -13.93
N ARG A 100 -0.32 9.40 -15.08
CA ARG A 100 -1.66 9.97 -15.20
C ARG A 100 -2.76 8.95 -15.00
N TRP A 101 -2.42 7.82 -14.35
CA TRP A 101 -3.36 6.71 -14.26
C TRP A 101 -4.73 7.12 -13.73
N GLN A 102 -4.77 8.01 -12.74
CA GLN A 102 -6.06 8.33 -12.12
C GLN A 102 -6.98 9.02 -13.12
N GLU A 103 -6.37 9.75 -14.07
CA GLU A 103 -7.13 10.47 -15.10
C GLU A 103 -7.51 9.61 -16.31
N VAL A 104 -6.76 8.54 -16.55
CA VAL A 104 -6.93 7.78 -17.79
C VAL A 104 -7.59 6.40 -17.65
N ILE A 105 -7.63 5.86 -16.42
CA ILE A 105 -8.25 4.56 -16.27
C ILE A 105 -9.74 4.58 -16.65
N PRO A 106 -10.20 3.48 -17.27
CA PRO A 106 -11.59 3.37 -17.69
C PRO A 106 -12.48 3.21 -16.47
N TYR A 107 -13.71 3.67 -16.60
CA TYR A 107 -14.75 3.42 -15.60
C TYR A 107 -16.04 3.15 -16.37
N THR A 108 -16.33 1.86 -16.55
CA THR A 108 -17.42 1.40 -17.41
C THR A 108 -18.72 1.17 -16.62
N PRO A 109 -19.85 1.01 -17.34
CA PRO A 109 -21.10 0.77 -16.61
C PRO A 109 -21.11 -0.43 -15.67
N ALA A 110 -20.47 -1.55 -16.02
CA ALA A 110 -20.48 -2.72 -15.11
C ALA A 110 -19.64 -2.45 -13.87
N MET A 111 -18.57 -1.67 -14.03
CA MET A 111 -17.83 -1.22 -12.83
C MET A 111 -18.69 -0.30 -11.98
N GLN A 112 -19.39 0.60 -12.64
CA GLN A 112 -20.22 1.54 -11.93
C GLN A 112 -21.33 0.85 -11.14
N ARG A 113 -21.91 -0.20 -11.71
CA ARG A 113 -23.03 -0.89 -11.05
C ARG A 113 -22.55 -1.55 -9.75
N TYR A 114 -21.34 -2.09 -9.78
CA TYR A 114 -20.76 -2.76 -8.62
C TYR A 114 -20.44 -1.71 -7.53
N VAL A 115 -19.81 -0.60 -7.91
CA VAL A 115 -19.53 0.52 -7.02
C VAL A 115 -20.82 1.07 -6.39
N LYS A 116 -21.84 1.25 -7.23
CA LYS A 116 -23.12 1.74 -6.76
C LYS A 116 -23.68 0.83 -5.67
N ARG A 117 -23.66 -0.49 -5.89
CA ARG A 117 -24.21 -1.42 -4.90
C ARG A 117 -23.40 -1.36 -3.59
N LEU A 118 -22.07 -1.27 -3.71
CA LEU A 118 -21.23 -1.21 -2.51
C LEU A 118 -21.57 -0.03 -1.64
N HIS A 119 -21.79 1.13 -2.26
CA HIS A 119 -22.17 2.32 -1.51
C HIS A 119 -23.57 2.24 -0.93
N GLU A 120 -24.51 1.68 -1.68
CA GLU A 120 -25.85 1.47 -1.13
C GLU A 120 -25.74 0.62 0.13
N VAL A 121 -24.99 -0.48 0.05
CA VAL A 121 -24.89 -1.37 1.19
C VAL A 121 -24.22 -0.67 2.38
N GLY A 122 -23.09 -0.01 2.11
CA GLY A 122 -22.34 0.61 3.20
C GLY A 122 -23.09 1.75 3.87
N ARG A 123 -23.94 2.44 3.10
CA ARG A 123 -24.64 3.63 3.59
C ARG A 123 -25.98 3.32 4.22
N THR A 124 -26.66 2.28 3.72
CA THR A 124 -28.05 2.01 4.13
C THR A 124 -28.34 0.61 4.70
N GLU A 125 -27.47 -0.37 4.43
CA GLU A 125 -27.62 -1.69 5.04
C GLU A 125 -26.25 -2.32 5.30
N PRO A 126 -25.48 -1.66 6.19
CA PRO A 126 -24.12 -2.13 6.45
C PRO A 126 -24.02 -3.52 7.04
N GLU A 127 -25.12 -4.03 7.59
CA GLU A 127 -25.19 -5.41 8.05
C GLU A 127 -24.91 -6.43 6.92
N LEU A 128 -25.03 -5.98 5.66
CA LEU A 128 -24.75 -6.86 4.51
C LEU A 128 -23.35 -6.64 3.93
N LEU A 129 -22.58 -5.71 4.50
CA LEU A 129 -21.23 -5.43 3.94
C LEU A 129 -20.34 -6.68 4.02
N VAL A 130 -20.52 -7.49 5.06
CA VAL A 130 -19.78 -8.75 5.19
C VAL A 130 -19.92 -9.67 3.96
N ALA A 131 -21.07 -9.64 3.28
CA ALA A 131 -21.24 -10.47 2.08
C ALA A 131 -20.31 -10.02 0.96
N HIS A 132 -20.10 -8.71 0.88
CA HIS A 132 -19.20 -8.15 -0.13
C HIS A 132 -17.74 -8.31 0.19
N ALA A 133 -17.40 -8.18 1.46
CA ALA A 133 -16.04 -8.39 1.91
C ALA A 133 -15.67 -9.87 1.76
N TYR A 134 -16.58 -10.76 2.10
CA TYR A 134 -16.35 -12.19 1.90
C TYR A 134 -16.04 -12.50 0.42
N THR A 135 -16.90 -12.01 -0.45
CA THR A 135 -16.83 -12.37 -1.85
C THR A 135 -15.54 -11.84 -2.46
N ARG A 136 -15.18 -10.61 -2.10
CA ARG A 136 -13.96 -10.00 -2.62
C ARG A 136 -12.71 -10.59 -1.99
N TYR A 137 -12.59 -10.46 -0.67
CA TYR A 137 -11.33 -10.83 -0.01
C TYR A 137 -11.05 -12.33 0.02
N LEU A 138 -12.05 -13.16 0.33
CA LEU A 138 -11.76 -14.59 0.45
C LEU A 138 -11.50 -15.23 -0.92
N GLY A 139 -12.18 -14.72 -1.93
CA GLY A 139 -11.85 -15.11 -3.31
C GLY A 139 -10.47 -14.65 -3.69
N ASP A 140 -10.19 -13.37 -3.50
CA ASP A 140 -8.91 -12.83 -4.00
C ASP A 140 -7.68 -13.43 -3.30
N LEU A 141 -7.87 -13.84 -2.05
CA LEU A 141 -6.84 -14.51 -1.28
C LEU A 141 -6.58 -15.94 -1.75
N SER A 142 -7.52 -16.51 -2.50
CA SER A 142 -7.48 -17.91 -2.90
C SER A 142 -6.61 -18.19 -4.11
N GLY A 143 -6.38 -17.18 -4.93
CA GLY A 143 -5.50 -17.33 -6.09
C GLY A 143 -4.08 -17.09 -5.67
N GLY A 144 -3.50 -18.06 -4.97
CA GLY A 144 -2.15 -17.96 -4.42
C GLY A 144 -1.11 -17.65 -5.48
N GLN A 145 -0.10 -18.51 -5.59
CA GLN A 145 0.95 -18.27 -6.59
C GLN A 145 0.50 -18.68 -7.98
N VAL A 146 -0.51 -19.55 -8.06
CA VAL A 146 -0.93 -20.12 -9.34
C VAL A 146 -1.49 -19.03 -10.26
N LEU A 147 -2.35 -18.18 -9.73
CA LEU A 147 -2.95 -17.16 -10.57
C LEU A 147 -1.95 -16.06 -10.95
N LYS A 148 -1.14 -15.66 -9.99
CA LYS A 148 -0.07 -14.71 -10.28
C LYS A 148 0.83 -15.22 -11.39
N LYS A 149 1.20 -16.50 -11.34
CA LYS A 149 2.15 -17.04 -12.35
C LYS A 149 1.55 -17.18 -13.74
N ILE A 150 0.28 -17.58 -13.82
CA ILE A 150 -0.40 -17.66 -15.13
C ILE A 150 -0.39 -16.29 -15.79
N ALA A 151 -0.72 -15.26 -15.01
CA ALA A 151 -0.70 -13.87 -15.46
C ALA A 151 0.71 -13.42 -15.84
N GLN A 152 1.68 -13.68 -14.96
CA GLN A 152 3.07 -13.31 -15.17
C GLN A 152 3.62 -13.87 -16.50
N LYS A 153 3.30 -15.13 -16.79
CA LYS A 153 3.71 -15.79 -18.03
C LYS A 153 3.00 -15.18 -19.26
N ALA A 154 1.74 -14.82 -19.08
CA ALA A 154 0.94 -14.22 -20.15
C ALA A 154 1.39 -12.79 -20.50
N LEU A 155 1.84 -12.06 -19.49
CA LEU A 155 2.10 -10.62 -19.66
C LEU A 155 3.53 -10.28 -20.09
N ASP A 156 4.47 -11.18 -19.83
CA ASP A 156 5.89 -10.96 -20.15
C ASP A 156 6.36 -9.55 -19.74
N LEU A 157 6.35 -9.30 -18.44
CA LEU A 157 6.67 -7.98 -17.92
C LEU A 157 8.18 -7.68 -17.91
N PRO A 158 8.55 -6.39 -17.91
CA PRO A 158 9.94 -5.96 -17.68
C PRO A 158 10.41 -6.36 -16.28
N SER A 159 11.70 -6.21 -16.00
CA SER A 159 12.22 -6.53 -14.67
C SER A 159 12.29 -5.28 -13.79
N SER A 160 11.17 -4.55 -13.71
CA SER A 160 11.16 -3.27 -13.00
C SER A 160 10.52 -3.32 -11.61
N GLY A 161 10.18 -4.52 -11.14
CA GLY A 161 9.78 -4.71 -9.74
C GLY A 161 8.46 -4.10 -9.33
N GLU A 162 7.56 -3.92 -10.29
CA GLU A 162 6.23 -3.33 -10.07
C GLU A 162 5.18 -3.96 -10.97
N GLY A 163 3.91 -3.77 -10.61
CA GLY A 163 2.79 -4.17 -11.46
C GLY A 163 1.93 -5.32 -10.99
N LEU A 164 2.45 -6.09 -10.03
CA LEU A 164 1.71 -7.24 -9.54
C LEU A 164 1.56 -7.26 -8.02
N ALA A 165 1.65 -6.10 -7.39
CA ALA A 165 1.50 -6.01 -5.93
C ALA A 165 0.16 -6.59 -5.48
N PHE A 166 -0.87 -6.41 -6.30
CA PHE A 166 -2.20 -6.89 -5.94
C PHE A 166 -2.20 -8.36 -5.52
N PHE A 167 -1.35 -9.16 -6.15
CA PHE A 167 -1.35 -10.61 -5.93
C PHE A 167 -0.62 -11.07 -4.69
N THR A 168 -0.06 -10.13 -3.93
CA THR A 168 0.61 -10.46 -2.68
C THR A 168 -0.04 -9.68 -1.54
N PHE A 169 -0.52 -10.42 -0.53
CA PHE A 169 -1.03 -9.85 0.72
C PHE A 169 0.12 -9.98 1.71
N PRO A 170 0.94 -8.93 1.85
CA PRO A 170 2.16 -9.14 2.65
C PRO A 170 1.91 -9.40 4.13
N ASN A 171 0.73 -9.03 4.60
CA ASN A 171 0.41 -9.17 6.01
C ASN A 171 -0.34 -10.46 6.32
N ILE A 172 -0.39 -11.38 5.35
CA ILE A 172 -0.94 -12.71 5.59
C ILE A 172 0.07 -13.77 5.16
N ALA A 173 0.71 -14.42 6.12
CA ALA A 173 1.69 -15.45 5.81
C ALA A 173 1.05 -16.75 5.27
N SER A 174 -0.03 -17.19 5.90
CA SER A 174 -0.75 -18.37 5.49
C SER A 174 -2.19 -18.01 5.21
N ALA A 175 -2.61 -18.20 3.96
CA ALA A 175 -3.99 -17.93 3.55
C ALA A 175 -4.98 -18.80 4.31
N THR A 176 -4.67 -20.07 4.48
CA THR A 176 -5.54 -20.97 5.26
C THR A 176 -5.73 -20.47 6.68
N LYS A 177 -4.62 -20.11 7.32
CA LYS A 177 -4.69 -19.59 8.67
C LYS A 177 -5.61 -18.37 8.71
N PHE A 178 -5.42 -17.41 7.81
CA PHE A 178 -6.23 -16.20 7.84
C PHE A 178 -7.69 -16.52 7.53
N LYS A 179 -7.91 -17.37 6.51
CA LYS A 179 -9.28 -17.67 6.09
C LYS A 179 -10.06 -18.35 7.21
N GLN A 180 -9.42 -19.25 7.95
CA GLN A 180 -10.10 -19.89 9.09
C GLN A 180 -10.48 -18.87 10.16
N LEU A 181 -9.59 -17.91 10.43
CA LEU A 181 -9.90 -16.83 11.37
C LEU A 181 -11.08 -15.97 10.86
N TYR A 182 -11.01 -15.58 9.60
CA TYR A 182 -12.06 -14.73 9.03
C TYR A 182 -13.42 -15.41 9.06
N ARG A 183 -13.45 -16.71 8.74
CA ARG A 183 -14.67 -17.52 8.83
C ARG A 183 -15.22 -17.50 10.25
N SER A 184 -14.32 -17.65 11.22
CA SER A 184 -14.74 -17.66 12.60
C SER A 184 -15.38 -16.31 12.95
N ARG A 185 -14.75 -15.23 12.50
CA ARG A 185 -15.28 -13.88 12.77
C ARG A 185 -16.62 -13.64 12.07
N MET A 186 -16.80 -14.16 10.86
CA MET A 186 -18.12 -14.12 10.20
C MET A 186 -19.17 -14.83 11.05
N ASN A 187 -18.75 -15.95 11.64
CA ASN A 187 -19.62 -16.77 12.47
C ASN A 187 -19.94 -16.11 13.81
N SER A 188 -19.06 -15.21 14.25
CA SER A 188 -19.25 -14.47 15.51
C SER A 188 -20.30 -13.36 15.42
N LEU A 189 -20.61 -12.95 14.19
CA LEU A 189 -21.54 -11.85 13.95
C LEU A 189 -22.93 -12.22 14.44
N GLU A 190 -23.56 -11.28 15.13
CA GLU A 190 -24.91 -11.53 15.62
C GLU A 190 -25.90 -10.89 14.66
N MET A 191 -26.85 -11.72 14.21
CA MET A 191 -27.90 -11.24 13.31
C MET A 191 -29.19 -12.05 13.47
N THR A 192 -30.31 -11.41 13.18
CA THR A 192 -31.60 -12.07 13.15
C THR A 192 -31.66 -13.04 11.96
N PRO A 193 -32.57 -14.03 12.01
CA PRO A 193 -32.81 -14.90 10.85
C PRO A 193 -33.09 -14.14 9.55
N ALA A 194 -33.84 -13.03 9.64
CA ALA A 194 -34.13 -12.20 8.47
C ALA A 194 -32.86 -11.60 7.87
N VAL A 195 -32.01 -11.06 8.74
CA VAL A 195 -30.77 -10.43 8.27
C VAL A 195 -29.85 -11.48 7.68
N ARG A 196 -29.76 -12.64 8.34
CA ARG A 196 -28.91 -13.73 7.83
C ARG A 196 -29.27 -14.11 6.39
N GLN A 197 -30.58 -14.19 6.13
CA GLN A 197 -31.06 -14.49 4.79
C GLN A 197 -30.68 -13.40 3.78
N ARG A 198 -30.77 -12.14 4.21
CA ARG A 198 -30.37 -11.00 3.37
C ARG A 198 -28.87 -11.00 3.08
N VAL A 199 -28.07 -11.41 4.06
CA VAL A 199 -26.62 -11.53 3.86
C VAL A 199 -26.32 -12.59 2.78
N ILE A 200 -26.97 -13.76 2.89
CA ILE A 200 -26.82 -14.83 1.90
C ILE A 200 -27.21 -14.36 0.47
N GLU A 201 -28.34 -13.68 0.36
CA GLU A 201 -28.80 -13.16 -0.92
C GLU A 201 -27.80 -12.14 -1.45
N GLU A 202 -27.26 -11.30 -0.56
CA GLU A 202 -26.30 -10.28 -1.00
C GLU A 202 -25.00 -10.89 -1.52
N ALA A 203 -24.56 -12.01 -0.94
CA ALA A 203 -23.37 -12.69 -1.49
C ALA A 203 -23.64 -13.17 -2.91
N LYS A 204 -24.83 -13.72 -3.17
CA LYS A 204 -25.21 -14.09 -4.53
C LYS A 204 -25.16 -12.88 -5.48
N THR A 205 -25.72 -11.75 -5.02
CA THR A 205 -25.67 -10.51 -5.76
C THR A 205 -24.22 -10.11 -6.05
N ALA A 206 -23.34 -10.20 -5.05
CA ALA A 206 -21.94 -9.86 -5.26
C ALA A 206 -21.32 -10.70 -6.38
N PHE A 207 -21.54 -12.01 -6.34
CA PHE A 207 -21.06 -12.90 -7.41
C PHE A 207 -21.63 -12.48 -8.78
N LEU A 208 -22.92 -12.16 -8.81
CA LEU A 208 -23.58 -11.80 -10.06
C LEU A 208 -23.00 -10.49 -10.62
N LEU A 209 -22.66 -9.55 -9.76
CA LEU A 209 -22.01 -8.31 -10.19
C LEU A 209 -20.64 -8.57 -10.81
N ASN A 210 -19.90 -9.52 -10.24
CA ASN A 210 -18.63 -9.95 -10.84
C ASN A 210 -18.81 -10.62 -12.21
N ILE A 211 -19.79 -11.52 -12.29
CA ILE A 211 -20.07 -12.21 -13.56
C ILE A 211 -20.43 -11.20 -14.65
N GLN A 212 -21.30 -10.25 -14.32
CA GLN A 212 -21.71 -9.21 -15.26
C GLN A 212 -20.52 -8.35 -15.66
N LEU A 213 -19.63 -8.09 -14.70
CA LEU A 213 -18.42 -7.30 -15.01
C LEU A 213 -17.55 -8.03 -16.03
N PHE A 214 -17.29 -9.32 -15.78
CA PHE A 214 -16.46 -10.12 -16.72
C PHE A 214 -17.09 -10.22 -18.09
N GLU A 215 -18.41 -10.31 -18.16
CA GLU A 215 -19.08 -10.35 -19.46
C GLU A 215 -18.89 -9.03 -20.21
N GLU A 216 -19.00 -7.90 -19.51
CA GLU A 216 -18.74 -6.60 -20.12
C GLU A 216 -17.29 -6.48 -20.57
N LEU A 217 -16.35 -6.91 -19.73
CA LEU A 217 -14.94 -6.79 -20.12
C LEU A 217 -14.63 -7.59 -21.36
N GLN A 218 -15.17 -8.80 -21.42
CA GLN A 218 -14.98 -9.66 -22.60
C GLN A 218 -15.53 -8.96 -23.84
N GLU A 219 -16.69 -8.32 -23.72
CA GLU A 219 -17.31 -7.60 -24.82
C GLU A 219 -16.42 -6.42 -25.29
N LEU A 220 -15.87 -5.68 -24.33
CA LEU A 220 -14.97 -4.56 -24.65
C LEU A 220 -13.72 -5.04 -25.38
N LEU A 221 -13.26 -6.24 -25.06
CA LEU A 221 -12.02 -6.76 -25.63
C LEU A 221 -12.19 -7.34 -27.04
N THR A 222 -13.44 -7.58 -27.45
CA THR A 222 -13.68 -8.04 -28.83
C THR A 222 -13.70 -6.86 -29.81
N HIS A 223 -13.88 -5.65 -29.27
CA HIS A 223 -13.81 -4.40 -30.03
C HIS A 223 -12.39 -3.84 -30.08
N PRO B 10 16.19 31.53 4.88
CA PRO B 10 15.34 32.70 4.90
C PRO B 10 14.19 32.55 5.90
N GLN B 11 13.25 33.49 5.90
CA GLN B 11 12.11 33.50 6.81
C GLN B 11 11.25 32.24 6.67
N ASP B 12 10.84 31.90 5.45
CA ASP B 12 10.03 30.70 5.23
C ASP B 12 10.72 29.48 5.83
N LEU B 13 9.95 28.70 6.59
CA LEU B 13 10.49 27.48 7.19
C LEU B 13 11.12 26.56 6.15
N SER B 14 10.46 26.41 4.99
CA SER B 14 10.96 25.55 3.92
C SER B 14 12.35 25.99 3.46
N GLU B 15 12.56 27.30 3.35
CA GLU B 15 13.87 27.83 2.98
C GLU B 15 14.90 27.66 4.10
N ALA B 16 14.48 27.96 5.33
CA ALA B 16 15.31 27.78 6.52
C ALA B 16 15.77 26.33 6.70
N LEU B 17 14.86 25.38 6.50
CA LEU B 17 15.23 23.96 6.59
C LEU B 17 16.26 23.56 5.54
N LYS B 18 16.05 24.00 4.31
CA LYS B 18 16.95 23.64 3.22
C LYS B 18 18.35 24.21 3.51
N GLU B 19 18.40 25.47 3.91
CA GLU B 19 19.68 26.13 4.20
C GLU B 19 20.41 25.50 5.40
N ALA B 20 19.68 25.22 6.47
CA ALA B 20 20.26 24.71 7.72
C ALA B 20 20.80 23.31 7.56
N THR B 21 20.22 22.55 6.64
CA THR B 21 20.62 21.14 6.46
C THR B 21 21.57 20.89 5.29
N LYS B 22 21.99 21.96 4.62
CA LYS B 22 22.88 21.83 3.46
C LYS B 22 24.17 21.08 3.81
N GLU B 23 24.79 21.46 4.93
CA GLU B 23 26.05 20.84 5.34
C GLU B 23 25.88 19.35 5.64
N VAL B 24 24.91 18.98 6.48
CA VAL B 24 24.67 17.56 6.76
C VAL B 24 24.20 16.78 5.51
N HIS B 25 23.50 17.43 4.59
CA HIS B 25 23.14 16.77 3.33
C HIS B 25 24.40 16.41 2.54
N THR B 26 25.36 17.35 2.50
CA THR B 26 26.65 17.11 1.88
C THR B 26 27.37 15.92 2.54
N GLN B 27 27.32 15.85 3.88
CA GLN B 27 27.90 14.72 4.62
C GLN B 27 27.25 13.41 4.16
N ALA B 28 25.93 13.42 3.99
CA ALA B 28 25.23 12.22 3.55
C ALA B 28 25.67 11.80 2.14
N GLU B 29 25.83 12.78 1.26
CA GLU B 29 26.30 12.49 -0.10
C GLU B 29 27.67 11.84 -0.06
N ASN B 30 28.44 12.14 0.97
CA ASN B 30 29.81 11.63 1.07
C ASN B 30 29.93 10.26 1.73
N ALA B 31 28.84 9.81 2.35
CA ALA B 31 28.86 8.57 3.09
C ALA B 31 29.22 7.42 2.16
N GLU B 32 30.06 6.52 2.65
CA GLU B 32 30.53 5.34 1.91
C GLU B 32 29.35 4.60 1.30
N PHE B 33 28.33 4.32 2.12
CA PHE B 33 27.16 3.60 1.64
C PHE B 33 26.48 4.32 0.47
N MET B 34 26.37 5.64 0.56
CA MET B 34 25.72 6.44 -0.47
C MET B 34 26.56 6.56 -1.75
N ARG B 35 27.87 6.74 -1.58
CA ARG B 35 28.79 6.71 -2.73
C ARG B 35 28.68 5.38 -3.44
N ASN B 36 28.63 4.29 -2.68
CA ASN B 36 28.51 2.96 -3.26
C ASN B 36 27.17 2.81 -3.96
N PHE B 37 26.11 3.27 -3.31
CA PHE B 37 24.76 3.13 -3.86
C PHE B 37 24.64 3.84 -5.20
N GLN B 38 25.14 5.08 -5.25
CA GLN B 38 25.03 5.92 -6.43
C GLN B 38 25.80 5.34 -7.62
N LYS B 39 26.88 4.63 -7.33
CA LYS B 39 27.72 4.01 -8.35
C LYS B 39 27.30 2.58 -8.69
N GLY B 40 26.10 2.19 -8.24
CA GLY B 40 25.52 0.88 -8.58
C GLY B 40 26.23 -0.29 -7.91
N GLN B 41 26.84 -0.02 -6.76
CA GLN B 41 27.63 -1.01 -6.05
C GLN B 41 26.86 -1.76 -4.95
N VAL B 42 25.59 -1.43 -4.75
CA VAL B 42 24.80 -2.14 -3.74
C VAL B 42 24.47 -3.56 -4.21
N THR B 43 24.55 -4.49 -3.27
CA THR B 43 24.21 -5.88 -3.52
C THR B 43 22.76 -6.11 -3.09
N ARG B 44 22.21 -7.27 -3.41
CA ARG B 44 20.89 -7.65 -2.88
C ARG B 44 20.88 -7.60 -1.36
N ASP B 45 21.94 -8.10 -0.72
CA ASP B 45 22.03 -8.06 0.74
C ASP B 45 22.02 -6.64 1.32
N GLY B 46 22.77 -5.73 0.70
CA GLY B 46 22.77 -4.33 1.08
C GLY B 46 21.42 -3.68 0.85
N PHE B 47 20.82 -3.97 -0.30
CA PHE B 47 19.51 -3.39 -0.64
C PHE B 47 18.44 -3.88 0.34
N LYS B 48 18.47 -5.17 0.66
CA LYS B 48 17.53 -5.72 1.64
C LYS B 48 17.64 -5.05 3.00
N LEU B 49 18.87 -4.78 3.45
CA LEU B 49 19.10 -4.07 4.70
C LEU B 49 18.49 -2.67 4.67
N VAL B 50 18.67 -1.96 3.56
CA VAL B 50 18.10 -0.63 3.37
C VAL B 50 16.57 -0.68 3.48
N MET B 51 15.97 -1.62 2.76
CA MET B 51 14.52 -1.74 2.76
C MET B 51 13.96 -2.08 4.13
N ALA B 52 14.63 -2.99 4.84
CA ALA B 52 14.21 -3.31 6.21
C ALA B 52 14.30 -2.06 7.09
N SER B 53 15.40 -1.30 6.95
CA SER B 53 15.59 -0.07 7.72
C SER B 53 14.43 0.90 7.47
N LEU B 54 14.13 1.13 6.19
CA LEU B 54 13.07 2.06 5.78
C LEU B 54 11.73 1.64 6.38
N TYR B 55 11.47 0.34 6.36
CA TYR B 55 10.24 -0.18 6.95
C TYR B 55 10.13 0.19 8.44
N HIS B 56 11.17 -0.11 9.21
CA HIS B 56 11.12 0.24 10.63
C HIS B 56 10.89 1.75 10.85
N ILE B 57 11.60 2.54 10.07
CA ILE B 57 11.54 4.00 10.20
C ILE B 57 10.14 4.53 9.87
N TYR B 58 9.61 4.09 8.72
CA TYR B 58 8.29 4.52 8.28
C TYR B 58 7.16 3.98 9.17
N VAL B 59 7.29 2.75 9.67
CA VAL B 59 6.31 2.29 10.69
C VAL B 59 6.22 3.30 11.83
N ALA B 60 7.36 3.69 12.38
CA ALA B 60 7.36 4.61 13.51
C ALA B 60 6.89 6.02 13.11
N LEU B 61 7.40 6.53 11.99
CA LEU B 61 7.02 7.87 11.54
C LEU B 61 5.51 7.95 11.30
N GLU B 62 4.98 6.97 10.56
CA GLU B 62 3.57 7.01 10.17
C GLU B 62 2.62 6.74 11.34
N GLU B 63 3.07 5.98 12.34
CA GLU B 63 2.32 5.82 13.59
C GLU B 63 2.21 7.16 14.28
N GLU B 64 3.33 7.89 14.36
CA GLU B 64 3.32 9.17 15.04
C GLU B 64 2.56 10.23 14.28
N ILE B 65 2.62 10.17 12.95
CA ILE B 65 1.80 11.05 12.13
C ILE B 65 0.32 10.78 12.41
N GLU B 66 -0.09 9.51 12.46
CA GLU B 66 -1.50 9.20 12.73
C GLU B 66 -1.95 9.70 14.10
N ARG B 67 -1.08 9.61 15.09
CA ARG B 67 -1.38 10.06 16.45
C ARG B 67 -1.64 11.57 16.46
N ASN B 68 -0.93 12.31 15.61
CA ASN B 68 -0.90 13.77 15.68
C ASN B 68 -1.60 14.47 14.53
N LYS B 69 -2.30 13.71 13.69
CA LYS B 69 -2.84 14.27 12.46
C LYS B 69 -3.86 15.41 12.64
N GLU B 70 -4.49 15.49 13.82
CA GLU B 70 -5.52 16.53 14.05
C GLU B 70 -4.95 17.75 14.74
N SER B 71 -3.70 17.65 15.23
CA SER B 71 -3.07 18.77 15.94
C SER B 71 -2.69 19.90 14.97
N PRO B 72 -2.91 21.16 15.38
CA PRO B 72 -2.46 22.30 14.56
C PRO B 72 -0.96 22.29 14.27
N VAL B 73 -0.17 21.56 15.06
CA VAL B 73 1.28 21.56 14.84
C VAL B 73 1.68 20.60 13.72
N PHE B 74 0.75 19.76 13.28
CA PHE B 74 1.02 18.84 12.16
C PHE B 74 -0.02 18.79 11.05
N ALA B 75 -1.30 18.98 11.40
CA ALA B 75 -2.36 18.82 10.41
C ALA B 75 -2.10 19.47 9.04
N PRO B 76 -1.55 20.70 8.99
CA PRO B 76 -1.28 21.30 7.67
C PRO B 76 -0.43 20.44 6.73
N VAL B 77 0.48 19.64 7.29
CA VAL B 77 1.36 18.80 6.44
C VAL B 77 0.93 17.35 6.42
N TYR B 78 -0.31 17.07 6.81
CA TYR B 78 -0.85 15.71 6.77
C TYR B 78 -1.35 15.40 5.37
N PHE B 79 -0.59 14.56 4.66
CA PHE B 79 -0.91 14.12 3.29
C PHE B 79 -0.78 12.58 3.23
N PRO B 80 -1.70 11.86 3.88
CA PRO B 80 -1.56 10.41 4.02
C PRO B 80 -1.61 9.68 2.67
N GLU B 81 -2.56 10.03 1.81
CA GLU B 81 -2.70 9.30 0.56
C GLU B 81 -1.52 9.52 -0.37
N GLU B 82 -1.03 10.76 -0.40
CA GLU B 82 0.05 11.12 -1.32
C GLU B 82 1.37 10.51 -0.93
N LEU B 83 1.63 10.43 0.38
CA LEU B 83 2.97 10.15 0.87
C LEU B 83 3.18 8.78 1.52
N HIS B 84 2.13 8.13 2.03
CA HIS B 84 2.35 6.97 2.93
C HIS B 84 3.21 5.91 2.26
N ARG B 85 4.20 5.39 3.00
CA ARG B 85 5.15 4.42 2.47
C ARG B 85 5.12 3.04 3.14
N LYS B 86 4.50 2.93 4.32
CA LYS B 86 4.51 1.64 5.04
C LYS B 86 3.99 0.48 4.18
N ALA B 87 2.83 0.67 3.57
CA ALA B 87 2.24 -0.39 2.74
C ALA B 87 3.14 -0.82 1.58
N ALA B 88 3.76 0.15 0.90
CA ALA B 88 4.64 -0.17 -0.21
C ALA B 88 5.81 -1.01 0.28
N LEU B 89 6.35 -0.62 1.44
CA LEU B 89 7.47 -1.37 2.02
C LEU B 89 7.08 -2.77 2.47
N GLU B 90 5.86 -2.93 3.00
CA GLU B 90 5.36 -4.28 3.31
C GLU B 90 5.30 -5.17 2.07
N GLN B 91 4.75 -4.63 0.98
CA GLN B 91 4.77 -5.33 -0.30
C GLN B 91 6.16 -5.72 -0.71
N ASP B 92 7.11 -4.78 -0.64
CA ASP B 92 8.48 -5.06 -1.06
C ASP B 92 9.18 -6.10 -0.18
N LEU B 93 8.98 -5.99 1.14
CA LEU B 93 9.68 -6.90 2.06
C LEU B 93 9.15 -8.33 1.90
N ALA B 94 7.86 -8.49 1.59
CA ALA B 94 7.32 -9.82 1.34
C ALA B 94 8.02 -10.44 0.14
N PHE B 95 8.40 -9.62 -0.85
CA PHE B 95 9.20 -10.08 -1.97
C PHE B 95 10.64 -10.41 -1.54
N TRP B 96 11.30 -9.47 -0.87
CA TRP B 96 12.74 -9.59 -0.57
C TRP B 96 13.07 -10.62 0.50
N TYR B 97 12.17 -10.79 1.47
CA TYR B 97 12.44 -11.71 2.58
C TYR B 97 11.47 -12.89 2.66
N GLY B 98 10.44 -12.89 1.82
CA GLY B 98 9.50 -13.99 1.72
C GLY B 98 8.36 -13.86 2.71
N PRO B 99 7.50 -14.90 2.79
CA PRO B 99 6.30 -14.89 3.63
C PRO B 99 6.53 -14.60 5.11
N ARG B 100 7.71 -14.97 5.61
CA ARG B 100 8.03 -14.80 7.03
C ARG B 100 8.76 -13.49 7.30
N TRP B 101 8.68 -12.55 6.36
CA TRP B 101 9.49 -11.35 6.42
C TRP B 101 9.37 -10.64 7.77
N GLN B 102 8.17 -10.61 8.36
CA GLN B 102 8.04 -9.81 9.59
C GLN B 102 8.82 -10.42 10.74
N GLU B 103 9.01 -11.74 10.67
CA GLU B 103 9.77 -12.48 11.69
C GLU B 103 11.28 -12.45 11.47
N VAL B 104 11.70 -12.27 10.23
CA VAL B 104 13.12 -12.47 9.88
C VAL B 104 13.89 -11.18 9.55
N ILE B 105 13.18 -10.09 9.28
CA ILE B 105 13.92 -8.86 9.00
C ILE B 105 14.76 -8.39 10.18
N PRO B 106 15.96 -7.86 9.87
CA PRO B 106 16.85 -7.37 10.90
C PRO B 106 16.30 -6.11 11.55
N TYR B 107 16.66 -5.91 12.81
CA TYR B 107 16.38 -4.68 13.53
C TYR B 107 17.61 -4.36 14.38
N THR B 108 18.45 -3.48 13.84
CA THR B 108 19.77 -3.18 14.39
C THR B 108 19.74 -1.96 15.31
N PRO B 109 20.82 -1.75 16.09
CA PRO B 109 20.81 -0.58 16.95
C PRO B 109 20.65 0.78 16.26
N ALA B 110 21.24 0.98 15.08
CA ALA B 110 21.07 2.27 14.39
C ALA B 110 19.62 2.46 13.90
N MET B 111 18.96 1.36 13.53
CA MET B 111 17.52 1.44 13.23
C MET B 111 16.73 1.78 14.48
N GLN B 112 17.10 1.15 15.59
CA GLN B 112 16.39 1.36 16.84
C GLN B 112 16.50 2.80 17.31
N ARG B 113 17.68 3.39 17.12
CA ARG B 113 17.97 4.75 17.58
C ARG B 113 17.04 5.73 16.85
N TYR B 114 16.82 5.46 15.57
CA TYR B 114 16.01 6.34 14.72
C TYR B 114 14.52 6.19 15.14
N VAL B 115 14.07 4.94 15.29
CA VAL B 115 12.72 4.63 15.74
C VAL B 115 12.44 5.27 17.11
N LYS B 116 13.42 5.18 18.00
CA LYS B 116 13.28 5.72 19.34
C LYS B 116 13.07 7.25 19.28
N ARG B 117 13.89 7.94 18.48
CA ARG B 117 13.72 9.38 18.34
C ARG B 117 12.36 9.74 17.77
N LEU B 118 11.89 8.98 16.76
CA LEU B 118 10.59 9.28 16.16
C LEU B 118 9.45 9.20 17.18
N HIS B 119 9.49 8.18 18.01
CA HIS B 119 8.47 8.04 19.04
C HIS B 119 8.57 9.13 20.10
N GLU B 120 9.80 9.52 20.47
CA GLU B 120 9.96 10.58 21.47
C GLU B 120 9.33 11.84 20.91
N VAL B 121 9.63 12.14 19.65
CA VAL B 121 9.09 13.35 19.04
C VAL B 121 7.57 13.29 18.97
N GLY B 122 7.04 12.20 18.42
CA GLY B 122 5.60 12.09 18.24
C GLY B 122 4.81 12.10 19.53
N ARG B 123 5.41 11.57 20.60
CA ARG B 123 4.73 11.45 21.90
C ARG B 123 4.90 12.67 22.79
N THR B 124 6.03 13.35 22.69
CA THR B 124 6.36 14.43 23.64
C THR B 124 6.68 15.81 23.04
N GLU B 125 6.98 15.86 21.74
CA GLU B 125 7.19 17.14 21.08
C GLU B 125 6.74 17.06 19.63
N PRO B 126 5.44 16.80 19.44
CA PRO B 126 4.92 16.62 18.08
C PRO B 126 5.08 17.84 17.18
N GLU B 127 5.31 19.01 17.77
CA GLU B 127 5.65 20.21 16.99
C GLU B 127 6.91 20.04 16.11
N LEU B 128 7.74 19.04 16.45
CA LEU B 128 8.96 18.79 15.66
C LEU B 128 8.80 17.64 14.67
N LEU B 129 7.61 17.03 14.62
CA LEU B 129 7.41 15.89 13.71
C LEU B 129 7.61 16.33 12.27
N VAL B 130 7.24 17.58 11.96
CA VAL B 130 7.46 18.11 10.60
C VAL B 130 8.92 17.99 10.14
N ALA B 131 9.89 18.13 11.06
CA ALA B 131 11.30 18.00 10.67
C ALA B 131 11.59 16.59 10.17
N HIS B 132 10.97 15.60 10.79
CA HIS B 132 11.18 14.20 10.40
C HIS B 132 10.47 13.81 9.13
N ALA B 133 9.28 14.37 8.96
CA ALA B 133 8.49 14.11 7.78
C ALA B 133 9.16 14.80 6.59
N TYR B 134 9.66 16.01 6.79
CA TYR B 134 10.41 16.72 5.74
C TYR B 134 11.61 15.88 5.28
N THR B 135 12.42 15.45 6.23
CA THR B 135 13.66 14.78 5.92
C THR B 135 13.42 13.45 5.21
N ARG B 136 12.44 12.70 5.67
CA ARG B 136 12.08 11.42 5.05
C ARG B 136 11.36 11.59 3.70
N TYR B 137 10.22 12.26 3.71
CA TYR B 137 9.38 12.31 2.50
C TYR B 137 9.96 13.17 1.38
N LEU B 138 10.46 14.35 1.69
CA LEU B 138 10.92 15.21 0.60
C LEU B 138 12.20 14.66 -0.03
N GLY B 139 13.05 14.05 0.78
CA GLY B 139 14.19 13.33 0.24
C GLY B 139 13.79 12.13 -0.59
N ASP B 140 12.95 11.28 -0.03
CA ASP B 140 12.60 10.03 -0.73
C ASP B 140 11.85 10.26 -2.03
N LEU B 141 11.13 11.39 -2.09
CA LEU B 141 10.43 11.81 -3.30
C LEU B 141 11.39 12.35 -4.39
N SER B 142 12.60 12.73 -4.00
CA SER B 142 13.56 13.35 -4.90
C SER B 142 14.36 12.37 -5.76
N GLY B 143 14.37 11.10 -5.36
CA GLY B 143 15.02 10.06 -6.13
C GLY B 143 14.00 9.40 -7.04
N GLY B 144 13.52 10.16 -8.02
CA GLY B 144 12.55 9.68 -9.01
C GLY B 144 13.05 8.46 -9.76
N GLN B 145 13.15 8.55 -11.08
CA GLN B 145 13.50 7.35 -11.85
C GLN B 145 14.97 6.99 -11.78
N VAL B 146 15.83 7.97 -11.51
CA VAL B 146 17.27 7.75 -11.56
C VAL B 146 17.72 6.75 -10.49
N LEU B 147 17.22 6.90 -9.27
CA LEU B 147 17.66 6.00 -8.21
C LEU B 147 17.05 4.61 -8.35
N LYS B 148 15.78 4.55 -8.75
CA LYS B 148 15.11 3.28 -9.02
C LYS B 148 15.88 2.48 -10.08
N LYS B 149 16.32 3.16 -11.13
CA LYS B 149 17.02 2.53 -12.25
C LYS B 149 18.42 2.03 -11.88
N ILE B 150 19.14 2.80 -11.07
CA ILE B 150 20.47 2.39 -10.61
C ILE B 150 20.35 1.10 -9.80
N ALA B 151 19.37 1.07 -8.89
CA ALA B 151 19.06 -0.11 -8.09
C ALA B 151 18.68 -1.29 -8.98
N GLN B 152 17.70 -1.05 -9.85
CA GLN B 152 17.20 -2.05 -10.79
C GLN B 152 18.31 -2.74 -11.58
N LYS B 153 19.28 -1.96 -12.06
CA LYS B 153 20.42 -2.48 -12.81
C LYS B 153 21.38 -3.29 -11.92
N ALA B 154 21.58 -2.82 -10.69
CA ALA B 154 22.45 -3.50 -9.73
C ALA B 154 21.85 -4.82 -9.24
N LEU B 155 20.52 -4.88 -9.19
CA LEU B 155 19.84 -6.01 -8.55
C LEU B 155 19.56 -7.21 -9.46
N ASP B 156 19.45 -6.96 -10.77
CA ASP B 156 19.16 -8.03 -11.75
C ASP B 156 17.97 -8.89 -11.30
N LEU B 157 16.83 -8.25 -11.09
CA LEU B 157 15.66 -8.90 -10.51
C LEU B 157 14.87 -9.73 -11.55
N PRO B 158 14.05 -10.69 -11.07
CA PRO B 158 13.17 -11.48 -11.94
C PRO B 158 12.02 -10.62 -12.45
N SER B 159 11.31 -11.07 -13.48
CA SER B 159 10.18 -10.29 -14.01
C SER B 159 8.89 -10.63 -13.26
N SER B 160 8.94 -10.56 -11.92
CA SER B 160 7.80 -10.97 -11.11
C SER B 160 6.92 -9.82 -10.64
N GLY B 161 7.20 -8.60 -11.09
CA GLY B 161 6.31 -7.47 -10.87
C GLY B 161 6.21 -6.99 -9.43
N GLU B 162 7.23 -7.29 -8.62
CA GLU B 162 7.30 -6.87 -7.21
C GLU B 162 8.71 -6.52 -6.77
N GLY B 163 8.81 -5.81 -5.65
CA GLY B 163 10.10 -5.55 -5.01
C GLY B 163 10.57 -4.10 -4.96
N LEU B 164 9.98 -3.27 -5.84
CA LEU B 164 10.41 -1.88 -5.94
C LEU B 164 9.25 -0.89 -5.80
N ALA B 165 8.16 -1.31 -5.16
CA ALA B 165 7.00 -0.41 -4.95
C ALA B 165 7.41 0.88 -4.22
N PHE B 166 8.37 0.76 -3.30
CA PHE B 166 8.80 1.91 -2.52
C PHE B 166 9.16 3.10 -3.39
N PHE B 167 9.74 2.82 -4.56
CA PHE B 167 10.25 3.88 -5.42
C PHE B 167 9.20 4.57 -6.27
N THR B 168 7.95 4.15 -6.15
CA THR B 168 6.84 4.79 -6.85
C THR B 168 5.83 5.30 -5.84
N PHE B 169 5.58 6.61 -5.90
CA PHE B 169 4.50 7.26 -5.15
C PHE B 169 3.32 7.39 -6.11
N PRO B 170 2.39 6.41 -6.10
CA PRO B 170 1.37 6.44 -7.16
C PRO B 170 0.42 7.63 -7.09
N ASN B 171 0.30 8.24 -5.92
CA ASN B 171 -0.64 9.34 -5.74
C ASN B 171 0.01 10.71 -5.92
N ILE B 172 1.21 10.74 -6.48
CA ILE B 172 1.89 12.01 -6.81
C ILE B 172 2.35 11.94 -8.26
N ALA B 173 1.62 12.63 -9.15
CA ALA B 173 2.01 12.64 -10.55
C ALA B 173 3.28 13.44 -10.84
N SER B 174 3.41 14.61 -10.21
CA SER B 174 4.57 15.47 -10.37
C SER B 174 5.18 15.74 -8.99
N ALA B 175 6.41 15.29 -8.80
CA ALA B 175 7.16 15.55 -7.58
C ALA B 175 7.30 17.04 -7.30
N THR B 176 7.58 17.84 -8.33
CA THR B 176 7.74 19.29 -8.14
C THR B 176 6.43 19.92 -7.68
N LYS B 177 5.35 19.52 -8.31
CA LYS B 177 4.04 20.04 -7.92
C LYS B 177 3.78 19.73 -6.45
N PHE B 178 3.99 18.47 -6.04
CA PHE B 178 3.73 18.12 -4.65
C PHE B 178 4.70 18.81 -3.70
N LYS B 179 5.98 18.83 -4.04
CA LYS B 179 6.97 19.42 -3.12
C LYS B 179 6.69 20.90 -2.89
N GLN B 180 6.29 21.62 -3.94
CA GLN B 180 5.91 23.03 -3.78
C GLN B 180 4.73 23.18 -2.82
N LEU B 181 3.73 22.31 -2.93
CA LEU B 181 2.58 22.35 -2.02
C LEU B 181 3.04 22.05 -0.59
N TYR B 182 3.86 21.02 -0.43
CA TYR B 182 4.32 20.63 0.91
C TYR B 182 5.11 21.74 1.57
N ARG B 183 5.99 22.38 0.81
CA ARG B 183 6.77 23.52 1.30
C ARG B 183 5.85 24.63 1.78
N SER B 184 4.80 24.91 0.99
CA SER B 184 3.84 25.92 1.35
C SER B 184 3.18 25.56 2.67
N ARG B 185 2.79 24.29 2.81
CA ARG B 185 2.14 23.86 4.05
C ARG B 185 3.08 23.92 5.26
N MET B 186 4.36 23.60 5.06
CA MET B 186 5.35 23.78 6.13
C MET B 186 5.41 25.24 6.55
N ASN B 187 5.32 26.12 5.54
CA ASN B 187 5.38 27.56 5.77
C ASN B 187 4.13 28.11 6.46
N SER B 188 3.02 27.38 6.31
CA SER B 188 1.74 27.75 6.92
C SER B 188 1.68 27.48 8.43
N LEU B 189 2.58 26.62 8.90
CA LEU B 189 2.58 26.22 10.30
C LEU B 189 2.89 27.41 11.19
N GLU B 190 2.14 27.53 12.28
CA GLU B 190 2.35 28.58 13.26
C GLU B 190 3.25 28.06 14.37
N MET B 191 4.36 28.75 14.59
CA MET B 191 5.26 28.43 15.70
C MET B 191 5.96 29.65 16.27
N THR B 192 6.29 29.59 17.56
CA THR B 192 7.12 30.61 18.19
C THR B 192 8.55 30.54 17.63
N PRO B 193 9.33 31.64 17.73
CA PRO B 193 10.74 31.60 17.38
C PRO B 193 11.51 30.44 18.04
N ALA B 194 11.21 30.15 19.30
CA ALA B 194 11.86 29.05 20.01
C ALA B 194 11.57 27.70 19.36
N VAL B 195 10.29 27.46 19.05
CA VAL B 195 9.89 26.21 18.41
C VAL B 195 10.53 26.10 17.02
N ARG B 196 10.53 27.19 16.27
CA ARG B 196 11.15 27.19 14.93
C ARG B 196 12.62 26.74 14.96
N GLN B 197 13.36 27.25 15.94
CA GLN B 197 14.76 26.86 16.10
C GLN B 197 14.90 25.38 16.44
N ARG B 198 14.00 24.87 17.29
CA ARG B 198 13.98 23.45 17.64
C ARG B 198 13.65 22.56 16.43
N VAL B 199 12.73 23.02 15.59
CA VAL B 199 12.43 22.30 14.34
C VAL B 199 13.66 22.19 13.43
N ILE B 200 14.38 23.31 13.24
CA ILE B 200 15.60 23.31 12.43
C ILE B 200 16.64 22.34 13.00
N GLU B 201 16.83 22.38 14.32
CA GLU B 201 17.77 21.47 14.96
C GLU B 201 17.36 20.03 14.81
N GLU B 202 16.05 19.77 14.87
CA GLU B 202 15.55 18.39 14.73
C GLU B 202 15.78 17.86 13.32
N ALA B 203 15.69 18.74 12.32
CA ALA B 203 15.99 18.30 10.93
C ALA B 203 17.45 17.87 10.81
N LYS B 204 18.36 18.62 11.45
CA LYS B 204 19.77 18.19 11.49
C LYS B 204 19.92 16.84 12.17
N THR B 205 19.23 16.66 13.29
CA THR B 205 19.22 15.38 14.00
C THR B 205 18.71 14.25 13.09
N ALA B 206 17.66 14.52 12.33
CA ALA B 206 17.11 13.52 11.43
C ALA B 206 18.16 13.11 10.41
N PHE B 207 18.85 14.08 9.81
CA PHE B 207 19.92 13.74 8.86
C PHE B 207 21.02 12.93 9.53
N LEU B 208 21.38 13.31 10.76
CA LEU B 208 22.46 12.63 11.47
C LEU B 208 22.07 11.18 11.80
N LEU B 209 20.79 10.96 12.10
CA LEU B 209 20.31 9.59 12.34
C LEU B 209 20.42 8.72 11.07
N ASN B 210 20.15 9.33 9.91
CA ASN B 210 20.35 8.65 8.62
C ASN B 210 21.82 8.35 8.34
N ILE B 211 22.69 9.34 8.55
CA ILE B 211 24.13 9.14 8.35
C ILE B 211 24.64 8.01 9.24
N GLN B 212 24.26 8.02 10.51
CA GLN B 212 24.69 6.96 11.43
C GLN B 212 24.16 5.60 11.00
N LEU B 213 22.92 5.58 10.52
CA LEU B 213 22.33 4.33 10.00
C LEU B 213 23.16 3.78 8.83
N PHE B 214 23.48 4.62 7.84
CA PHE B 214 24.27 4.15 6.71
C PHE B 214 25.70 3.75 7.06
N GLU B 215 26.28 4.38 8.08
CA GLU B 215 27.59 3.93 8.53
C GLU B 215 27.47 2.53 9.15
N GLU B 216 26.41 2.28 9.92
CA GLU B 216 26.20 0.94 10.51
C GLU B 216 25.94 -0.12 9.43
N LEU B 217 25.11 0.20 8.45
CA LEU B 217 24.84 -0.75 7.38
C LEU B 217 26.10 -1.12 6.64
N GLN B 218 26.95 -0.13 6.34
CA GLN B 218 28.22 -0.40 5.68
C GLN B 218 29.07 -1.35 6.52
N GLU B 219 29.10 -1.11 7.83
CA GLU B 219 29.88 -1.94 8.75
C GLU B 219 29.37 -3.38 8.77
N LEU B 220 28.04 -3.56 8.74
CA LEU B 220 27.44 -4.88 8.70
C LEU B 220 27.77 -5.63 7.41
N LEU B 221 27.90 -4.88 6.33
CA LEU B 221 28.11 -5.47 5.01
C LEU B 221 29.57 -5.86 4.76
N THR B 222 30.49 -5.37 5.59
CA THR B 222 31.91 -5.74 5.45
C THR B 222 32.17 -7.15 5.99
N HIS B 223 31.35 -7.59 6.94
CA HIS B 223 31.51 -8.89 7.59
C HIS B 223 30.53 -9.94 7.05
CHA HEM C . -12.64 -19.91 -3.42
CHB HEM C . -11.79 -21.45 -7.93
CHC HEM C . -13.80 -17.40 -9.66
CHD HEM C . -15.18 -16.14 -5.18
C1A HEM C . -12.23 -20.67 -4.48
C2A HEM C . -11.58 -21.98 -4.39
C3A HEM C . -11.35 -22.37 -5.65
C4A HEM C . -11.85 -21.37 -6.56
CMA HEM C . -10.68 -23.70 -6.11
CAA HEM C . -11.21 -22.75 -3.09
CBA HEM C . -12.27 -22.61 -2.00
CGA HEM C . -11.68 -22.49 -0.60
O1A HEM C . -11.16 -23.52 -0.09
O2A HEM C . -11.73 -21.37 0.01
C1B HEM C . -12.20 -20.47 -8.81
C2B HEM C . -12.02 -20.47 -10.24
C3B HEM C . -12.59 -19.35 -10.73
C4B HEM C . -13.14 -18.60 -9.60
CMB HEM C . -11.30 -21.58 -11.05
CAB HEM C . -12.64 -18.90 -12.20
CBB HEM C . -11.50 -18.55 -12.82
C1C HEM C . -14.35 -16.72 -8.59
C2C HEM C . -15.06 -15.45 -8.66
C3C HEM C . -15.46 -15.11 -7.44
C4C HEM C . -14.97 -16.13 -6.52
CMC HEM C . -15.34 -14.66 -9.97
CAC HEM C . -16.24 -13.85 -7.03
CBC HEM C . -15.72 -13.02 -6.12
C1D HEM C . -14.61 -17.04 -4.31
C2D HEM C . -14.77 -16.97 -2.88
C3D HEM C . -13.98 -18.13 -2.32
C4D HEM C . -13.44 -18.79 -3.49
CMD HEM C . -15.57 -15.93 -2.06
CAD HEM C . -13.83 -18.51 -0.83
CBD HEM C . -14.89 -19.58 -0.57
CGD HEM C . -14.95 -20.02 0.88
O1D HEM C . -15.99 -19.79 1.53
O2D HEM C . -13.96 -20.63 1.35
NA HEM C . -12.38 -20.35 -5.82
NB HEM C . -12.88 -19.33 -8.45
NC HEM C . -14.33 -17.10 -7.26
ND HEM C . -13.83 -18.13 -4.64
FE HEM C . -13.34 -18.70 -6.53
N AD8 D . -10.24 -16.01 -7.04
CAQ AD8 D . -11.51 -16.29 -6.77
NAP AD8 D . -11.59 -17.60 -6.46
CAO AD8 D . -10.37 -18.14 -6.52
CAN AD8 D . -9.50 -17.14 -6.91
CA AD8 D . -9.75 -14.71 -7.46
C AD8 D . -9.90 -14.61 -8.96
O AD8 D . -10.32 -15.57 -9.60
CAE AD8 D . -9.53 -13.34 -9.71
CAF AD8 D . -10.63 -12.98 -10.72
CAI AD8 D . -8.19 -13.62 -10.42
CAD AD8 D . -9.33 -12.19 -8.71
CAC AD8 D . -8.94 -10.92 -9.47
CAB AD8 D . -10.02 -10.58 -10.52
CAH AD8 D . -7.61 -11.17 -10.17
CAJ AD8 D . -7.74 -12.35 -11.15
CAG AD8 D . -8.83 -12.01 -12.19
CAA AD8 D . -10.19 -11.73 -11.52
CHA HEM E . 16.89 16.73 -2.03
CHB HEM E . 20.82 14.49 -3.73
CHC HEM E . 21.14 11.85 0.31
CHD HEM E . 17.49 14.40 2.23
C1A HEM E . 17.93 16.38 -2.85
C2A HEM E . 18.24 16.96 -4.14
C3A HEM E . 19.33 16.33 -4.59
C4A HEM E . 19.74 15.34 -3.62
CMA HEM E . 20.07 16.58 -5.93
CAA HEM E . 17.47 18.10 -4.84
CBA HEM E . 16.08 17.65 -5.30
CGA HEM E . 15.29 18.82 -5.85
O1A HEM E . 15.44 19.99 -5.37
O2A HEM E . 14.49 18.56 -6.79
C1B HEM E . 21.23 13.56 -2.81
C2B HEM E . 22.32 12.63 -3.00
C3B HEM E . 22.41 11.89 -1.87
C4B HEM E . 21.39 12.33 -0.95
CMB HEM E . 23.20 12.53 -4.27
CAB HEM E . 23.42 10.76 -1.60
CBB HEM E . 23.23 9.60 -2.27
C1C HEM E . 20.18 12.32 1.19
C2C HEM E . 19.92 11.81 2.52
C3C HEM E . 18.93 12.53 3.05
C4C HEM E . 18.49 13.49 2.06
CMC HEM E . 20.70 10.65 3.20
CAC HEM E . 18.28 12.37 4.43
CBC HEM E . 16.97 12.13 4.53
C1D HEM E . 16.99 15.27 1.28
C2D HEM E . 15.88 16.15 1.48
C3D HEM E . 15.68 16.87 0.16
C4D HEM E . 16.71 16.34 -0.71
CMD HEM E . 15.02 16.35 2.74
CAD HEM E . 14.60 17.93 -0.11
CBD HEM E . 14.55 18.37 -1.56
CGD HEM E . 13.63 19.56 -1.66
O1D HEM E . 13.99 20.68 -1.19
O2D HEM E . 12.53 19.35 -2.23
NA HEM E . 18.86 15.41 -2.56
NB HEM E . 20.68 13.36 -1.56
NC HEM E . 19.28 13.34 0.94
ND HEM E . 17.47 15.41 -0.02
FE HEM E . 19.04 14.37 -0.79
N AD8 F . 17.04 10.86 -1.68
CAQ AD8 F . 17.44 11.80 -0.83
NAP AD8 F . 17.86 12.86 -1.54
CAO AD8 F . 17.67 12.60 -2.86
CAN AD8 F . 17.16 11.32 -2.94
CA AD8 F . 16.54 9.55 -1.28
C AD8 F . 17.74 8.66 -1.09
O AD8 F . 18.87 9.10 -1.23
CAE AD8 F . 17.59 7.22 -0.67
CAF AD8 F . 18.62 6.92 0.43
CAI AD8 F . 17.83 6.32 -1.91
CAD AD8 F . 16.18 6.97 -0.14
CAC AD8 F . 16.07 5.52 0.35
CAB AD8 F . 17.16 5.22 1.40
CAH AD8 F . 16.27 4.60 -0.87
CAJ AD8 F . 17.66 4.85 -1.49
CAG AD8 F . 18.73 4.56 -0.44
CAA AD8 F . 18.56 5.45 0.80
#